data_9UVI
#
_entry.id   9UVI
#
_cell.length_a   59.990
_cell.length_b   59.990
_cell.length_c   187.810
_cell.angle_alpha   90.00
_cell.angle_beta   90.00
_cell.angle_gamma   90.00
#
_symmetry.space_group_name_H-M   'P 41 21 2'
#
loop_
_entity.id
_entity.type
_entity.pdbx_description
1 polymer 'BBM.1 light chain'
2 polymer 'BBM.1 heavy chain'
3 polymer Beta-2-microglobulin
4 water water
#
loop_
_entity_poly.entity_id
_entity_poly.type
_entity_poly.pdbx_seq_one_letter_code
_entity_poly.pdbx_strand_id
1 'polypeptide(L)'
;DIQMTQSPASQSASLGESVTITCLASQTIGTWLAWYQQKPGKSPQLLIYAATSLADGVPSRFSGSGSGTKFSLKIRTLQA
EDFVSYYCQQLYSKPYTFGGGTKLEIK
;
A
2 'polypeptide(L)'
;QLQQSGAELVKPGASVKLSCTPSGFNVKDTYIHWVKQRPKQGLEWIGRIDPSDGDIKYDPKFQGKATITADTSSNTVSLQ
LSSLTSEDTAVYYCARWFGDYGAMNYWGQGTSVTVS
;
B
3 'polypeptide(L)'
;IQRTPKIQVYSRHPAENGKSNFLNCYVSGFHPSDIEVDLLKNGERIEKVEHSDLSFSKDWSFYLLYYTEFTPTEKDEYAC
RVNHVTLSQPKIVKWDRDM
;
C
#
# COMPACT_ATOMS: atom_id res chain seq x y z
N ASP A 1 -15.16 1.65 -5.32
CA ASP A 1 -14.31 1.98 -4.18
C ASP A 1 -14.53 0.97 -3.05
N ILE A 2 -13.44 0.47 -2.48
CA ILE A 2 -13.50 -0.52 -1.42
C ILE A 2 -13.60 0.18 -0.07
N GLN A 3 -14.57 -0.23 0.74
CA GLN A 3 -14.76 0.35 2.06
C GLN A 3 -14.04 -0.50 3.11
N MET A 4 -13.41 0.17 4.06
CA MET A 4 -12.74 -0.48 5.18
C MET A 4 -13.38 -0.02 6.47
N THR A 5 -14.08 -0.94 7.14
CA THR A 5 -14.78 -0.66 8.39
C THR A 5 -13.87 -1.06 9.54
N GLN A 6 -13.19 -0.07 10.12
CA GLN A 6 -12.28 -0.31 11.24
C GLN A 6 -13.04 -0.18 12.56
N SER A 7 -12.88 -1.16 13.43
CA SER A 7 -13.57 -1.20 14.70
C SER A 7 -12.64 -1.78 15.77
N PRO A 8 -12.73 -1.27 17.00
CA PRO A 8 -13.59 -0.19 17.49
C PRO A 8 -13.05 1.18 17.12
N ALA A 9 -13.88 2.22 17.21
CA ALA A 9 -13.41 3.58 16.93
C ALA A 9 -12.51 4.09 18.04
N SER A 10 -12.77 3.68 19.28
CA SER A 10 -11.95 4.07 20.42
C SER A 10 -11.94 2.92 21.42
N GLN A 11 -10.83 2.78 22.14
CA GLN A 11 -10.68 1.71 23.10
C GLN A 11 -9.81 2.18 24.26
N SER A 12 -10.19 1.76 25.47
CA SER A 12 -9.43 2.06 26.67
C SER A 12 -8.91 0.76 27.28
N ALA A 13 -7.70 0.81 27.81
CA ALA A 13 -7.08 -0.36 28.42
C ALA A 13 -6.01 0.10 29.39
N SER A 14 -5.51 -0.84 30.18
CA SER A 14 -4.47 -0.58 31.17
C SER A 14 -3.15 -1.18 30.71
N LEU A 15 -2.07 -0.78 31.37
CA LEU A 15 -0.75 -1.28 31.04
C LEU A 15 -0.70 -2.80 31.25
N GLY A 16 -0.09 -3.50 30.28
CA GLY A 16 0.01 -4.93 30.31
C GLY A 16 -1.14 -5.66 29.63
N GLU A 17 -2.29 -5.02 29.52
CA GLU A 17 -3.46 -5.67 28.92
C GLU A 17 -3.23 -5.88 27.42
N SER A 18 -4.21 -6.53 26.79
CA SER A 18 -4.17 -6.84 25.37
C SER A 18 -5.34 -6.18 24.67
N VAL A 19 -5.14 -5.87 23.38
CA VAL A 19 -6.18 -5.24 22.58
C VAL A 19 -6.21 -5.87 21.20
N THR A 20 -7.39 -5.84 20.58
CA THR A 20 -7.59 -6.39 19.24
C THR A 20 -8.33 -5.35 18.40
N ILE A 21 -7.75 -4.98 17.27
CA ILE A 21 -8.34 -4.04 16.33
C ILE A 21 -8.67 -4.79 15.05
N THR A 22 -9.88 -4.58 14.54
CA THR A 22 -10.41 -5.32 13.41
C THR A 22 -10.73 -4.38 12.25
N CYS A 23 -10.41 -4.82 11.03
CA CYS A 23 -10.78 -4.09 9.82
C CYS A 23 -11.53 -5.02 8.89
N LEU A 24 -12.66 -4.55 8.39
CA LEU A 24 -13.53 -5.34 7.53
C LEU A 24 -13.58 -4.69 6.15
N ALA A 25 -13.20 -5.45 5.12
CA ALA A 25 -13.22 -4.95 3.76
C ALA A 25 -14.58 -5.22 3.12
N SER A 26 -15.06 -4.26 2.33
CA SER A 26 -16.34 -4.40 1.66
C SER A 26 -16.30 -5.44 0.56
N GLN A 27 -15.13 -5.92 0.19
CA GLN A 27 -14.98 -7.03 -0.76
C GLN A 27 -13.62 -7.66 -0.53
N THR A 28 -13.45 -8.87 -1.07
CA THR A 28 -12.22 -9.61 -0.82
C THR A 28 -11.01 -8.86 -1.38
N ILE A 29 -9.95 -8.79 -0.57
CA ILE A 29 -8.75 -8.05 -0.94
C ILE A 29 -7.53 -8.94 -0.74
N GLY A 30 -7.77 -10.23 -0.53
CA GLY A 30 -6.69 -11.18 -0.30
C GLY A 30 -5.93 -10.87 0.97
N THR A 31 -4.62 -10.63 0.84
CA THR A 31 -3.79 -10.19 1.96
C THR A 31 -3.13 -8.84 1.66
N TRP A 32 -3.71 -8.05 0.76
CA TRP A 32 -3.19 -6.73 0.43
C TRP A 32 -3.67 -5.71 1.46
N LEU A 33 -3.23 -5.90 2.69
CA LEU A 33 -3.64 -5.05 3.80
C LEU A 33 -2.44 -4.67 4.64
N ALA A 34 -2.34 -3.39 5.00
CA ALA A 34 -1.27 -2.88 5.85
C ALA A 34 -1.87 -2.22 7.09
N TRP A 35 -1.13 -2.32 8.19
CA TRP A 35 -1.49 -1.66 9.44
C TRP A 35 -0.46 -0.57 9.72
N TYR A 36 -0.95 0.63 10.05
CA TYR A 36 -0.09 1.75 10.39
C TYR A 36 -0.36 2.21 11.81
N GLN A 37 0.68 2.75 12.45
CA GLN A 37 0.59 3.38 13.74
C GLN A 37 0.93 4.86 13.60
N GLN A 38 0.21 5.71 14.33
CA GLN A 38 0.51 7.13 14.37
C GLN A 38 0.56 7.59 15.81
N LYS A 39 1.71 8.07 16.23
CA LYS A 39 1.95 8.64 17.54
C LYS A 39 1.80 10.15 17.49
N PRO A 40 1.52 10.78 18.64
CA PRO A 40 1.40 12.25 18.65
C PRO A 40 2.67 12.91 18.14
N GLY A 41 2.50 13.83 17.20
CA GLY A 41 3.62 14.55 16.63
C GLY A 41 4.42 13.79 15.59
N LYS A 42 3.93 12.63 15.14
CA LYS A 42 4.64 11.81 14.18
C LYS A 42 3.80 11.58 12.92
N SER A 43 4.49 11.23 11.85
CA SER A 43 3.84 10.68 10.68
C SER A 43 3.41 9.24 10.96
N PRO A 44 2.41 8.74 10.24
CA PRO A 44 2.07 7.32 10.35
C PRO A 44 3.27 6.44 10.00
N GLN A 45 3.36 5.29 10.66
CA GLN A 45 4.47 4.38 10.46
C GLN A 45 3.94 2.97 10.20
N LEU A 46 4.61 2.27 9.29
CA LEU A 46 4.19 0.92 8.93
C LEU A 46 4.47 -0.05 10.07
N LEU A 47 3.45 -0.81 10.45
CA LEU A 47 3.59 -1.92 11.40
C LEU A 47 3.55 -3.25 10.67
N ILE A 48 2.47 -3.50 9.93
CA ILE A 48 2.20 -4.78 9.30
C ILE A 48 2.06 -4.55 7.80
N TYR A 49 2.65 -5.44 7.01
CA TYR A 49 2.41 -5.48 5.57
C TYR A 49 2.03 -6.91 5.20
N ALA A 50 1.28 -7.03 4.11
CA ALA A 50 0.77 -8.33 3.65
C ALA A 50 0.00 -9.04 4.76
N ALA A 51 -0.76 -8.25 5.53
CA ALA A 51 -1.70 -8.72 6.54
C ALA A 51 -1.04 -9.32 7.78
N THR A 52 0.12 -9.97 7.63
CA THR A 52 0.70 -10.71 8.74
C THR A 52 2.19 -10.48 8.98
N SER A 53 2.90 -9.76 8.12
CA SER A 53 4.35 -9.65 8.22
C SER A 53 4.74 -8.35 8.94
N LEU A 54 5.58 -8.48 9.96
CA LEU A 54 6.07 -7.32 10.69
C LEU A 54 7.07 -6.54 9.86
N ALA A 55 7.00 -5.21 9.97
CA ALA A 55 8.04 -4.36 9.39
C ALA A 55 9.25 -4.32 10.31
N ASP A 56 10.36 -3.83 9.77
CA ASP A 56 11.60 -3.75 10.53
C ASP A 56 11.42 -2.89 11.78
N GLY A 57 11.95 -3.37 12.91
CA GLY A 57 11.91 -2.66 14.16
C GLY A 57 10.64 -2.82 14.96
N VAL A 58 9.54 -3.26 14.34
CA VAL A 58 8.28 -3.43 15.07
C VAL A 58 8.44 -4.56 16.09
N PRO A 59 8.11 -4.32 17.36
CA PRO A 59 8.24 -5.39 18.36
C PRO A 59 7.34 -6.57 18.05
N SER A 60 7.64 -7.71 18.68
CA SER A 60 6.91 -8.94 18.44
C SER A 60 5.56 -8.97 19.14
N ARG A 61 5.25 -7.99 20.00
CA ARG A 61 3.95 -7.93 20.63
C ARG A 61 2.85 -7.45 19.69
N PHE A 62 3.21 -7.00 18.49
CA PHE A 62 2.25 -6.65 17.45
C PHE A 62 2.08 -7.83 16.52
N SER A 63 0.84 -8.22 16.27
CA SER A 63 0.52 -9.38 15.45
C SER A 63 -0.60 -9.04 14.48
N GLY A 64 -0.42 -9.41 13.21
CA GLY A 64 -1.42 -9.22 12.19
C GLY A 64 -1.99 -10.55 11.74
N SER A 65 -3.26 -10.55 11.38
CA SER A 65 -3.96 -11.78 11.01
C SER A 65 -5.09 -11.44 10.04
N GLY A 66 -5.48 -12.45 9.27
CA GLY A 66 -6.63 -12.30 8.39
C GLY A 66 -6.33 -12.48 6.92
N SER A 67 -7.38 -12.72 6.14
CA SER A 67 -7.29 -12.87 4.71
C SER A 67 -8.68 -12.74 4.11
N GLY A 68 -8.78 -12.11 2.95
CA GLY A 68 -10.06 -11.95 2.28
C GLY A 68 -10.76 -10.65 2.63
N THR A 69 -11.62 -10.70 3.66
CA THR A 69 -12.39 -9.53 4.08
C THR A 69 -12.23 -9.16 5.54
N LYS A 70 -11.79 -10.08 6.40
CA LYS A 70 -11.69 -9.83 7.84
C LYS A 70 -10.23 -9.89 8.26
N PHE A 71 -9.76 -8.83 8.93
CA PHE A 71 -8.37 -8.70 9.34
C PHE A 71 -8.31 -8.21 10.77
N SER A 72 -7.22 -8.54 11.46
CA SER A 72 -7.08 -8.28 12.88
C SER A 72 -5.68 -7.79 13.20
N LEU A 73 -5.60 -6.86 14.15
CA LEU A 73 -4.33 -6.37 14.69
C LEU A 73 -4.33 -6.62 16.18
N LYS A 74 -3.42 -7.48 16.64
CA LYS A 74 -3.33 -7.86 18.05
C LYS A 74 -2.09 -7.22 18.67
N ILE A 75 -2.30 -6.53 19.78
CA ILE A 75 -1.20 -5.92 20.54
C ILE A 75 -1.23 -6.51 21.94
N ARG A 76 -0.17 -7.22 22.31
CA ARG A 76 -0.03 -7.83 23.63
C ARG A 76 0.91 -6.99 24.49
N THR A 77 0.70 -7.07 25.80
CA THR A 77 1.51 -6.37 26.79
C THR A 77 1.68 -4.90 26.40
N LEU A 78 0.65 -4.09 26.65
CA LEU A 78 0.67 -2.71 26.22
C LEU A 78 1.55 -1.87 27.16
N GLN A 79 2.44 -1.09 26.58
CA GLN A 79 3.21 -0.10 27.32
C GLN A 79 2.70 1.30 26.96
N ALA A 80 3.27 2.31 27.61
CA ALA A 80 2.75 3.67 27.48
C ALA A 80 2.81 4.17 26.04
N GLU A 81 3.84 3.76 25.29
CA GLU A 81 4.00 4.25 23.93
C GLU A 81 2.93 3.72 22.97
N ASP A 82 2.23 2.66 23.35
CA ASP A 82 1.32 1.99 22.43
C ASP A 82 -0.07 2.61 22.38
N PHE A 83 -0.42 3.47 23.33
CA PHE A 83 -1.77 4.04 23.41
C PHE A 83 -1.88 5.23 22.44
N VAL A 84 -1.83 4.90 21.16
CA VAL A 84 -1.88 5.90 20.10
C VAL A 84 -2.93 5.51 19.08
N SER A 85 -2.75 5.96 17.84
CA SER A 85 -3.71 5.73 16.78
C SER A 85 -3.22 4.65 15.82
N TYR A 86 -4.17 3.88 15.29
CA TYR A 86 -3.87 2.81 14.35
C TYR A 86 -4.85 2.87 13.19
N TYR A 87 -4.32 2.70 11.98
CA TYR A 87 -5.11 2.72 10.76
C TYR A 87 -4.75 1.52 9.90
N CYS A 88 -5.76 0.89 9.32
CA CYS A 88 -5.54 -0.13 8.30
C CYS A 88 -5.74 0.46 6.93
N GLN A 89 -5.11 -0.16 5.94
CA GLN A 89 -5.18 0.33 4.57
C GLN A 89 -5.16 -0.86 3.62
N GLN A 90 -6.06 -0.85 2.64
CA GLN A 90 -6.06 -1.86 1.60
C GLN A 90 -5.24 -1.37 0.41
N LEU A 91 -4.40 -2.27 -0.13
CA LEU A 91 -3.61 -1.99 -1.31
C LEU A 91 -4.03 -2.87 -2.48
N TYR A 92 -5.28 -3.34 -2.46
CA TYR A 92 -5.79 -4.27 -3.47
C TYR A 92 -6.24 -3.53 -4.73
N SER A 93 -7.01 -2.46 -4.56
CA SER A 93 -7.57 -1.73 -5.68
C SER A 93 -7.59 -0.25 -5.35
N LYS A 94 -7.13 0.58 -6.30
CA LYS A 94 -7.13 2.01 -6.09
C LYS A 94 -8.54 2.57 -6.17
N PRO A 95 -8.89 3.56 -5.33
CA PRO A 95 -8.05 4.26 -4.34
C PRO A 95 -7.72 3.39 -3.12
N TYR A 96 -6.49 3.50 -2.63
CA TYR A 96 -6.02 2.70 -1.50
C TYR A 96 -6.60 3.29 -0.22
N THR A 97 -7.85 2.93 0.06
CA THR A 97 -8.61 3.55 1.14
C THR A 97 -8.08 3.13 2.51
N PHE A 98 -8.21 4.04 3.46
CA PHE A 98 -7.81 3.81 4.84
C PHE A 98 -9.01 3.42 5.68
N GLY A 99 -8.74 2.76 6.81
CA GLY A 99 -9.76 2.54 7.80
C GLY A 99 -10.07 3.81 8.57
N GLY A 100 -11.19 3.77 9.29
CA GLY A 100 -11.60 4.91 10.09
C GLY A 100 -10.65 5.25 11.22
N GLY A 101 -9.81 4.29 11.63
CA GLY A 101 -8.84 4.53 12.67
C GLY A 101 -9.34 4.10 14.04
N THR A 102 -8.38 3.91 14.95
CA THR A 102 -8.68 3.47 16.31
C THR A 102 -7.69 4.14 17.26
N LYS A 103 -8.20 4.85 18.26
CA LYS A 103 -7.37 5.51 19.24
C LYS A 103 -7.39 4.71 20.54
N LEU A 104 -6.21 4.26 20.97
CA LEU A 104 -6.07 3.54 22.22
C LEU A 104 -5.82 4.53 23.35
N GLU A 105 -6.67 4.48 24.37
CA GLU A 105 -6.55 5.37 25.53
C GLU A 105 -6.24 4.55 26.78
N ILE A 106 -5.57 5.18 27.72
CA ILE A 106 -5.22 4.53 28.98
C ILE A 106 -6.39 4.61 29.93
N LYS A 107 -6.60 3.54 30.70
CA LYS A 107 -7.62 3.42 31.76
C LYS A 107 -8.32 4.72 32.17
N GLN B 1 14.81 9.14 4.23
CA GLN B 1 14.23 10.46 4.53
C GLN B 1 13.43 10.99 3.35
N LEU B 2 12.29 11.60 3.66
CA LEU B 2 11.45 12.29 2.68
C LEU B 2 11.23 13.71 3.19
N GLN B 3 11.99 14.66 2.63
CA GLN B 3 11.87 16.05 3.06
C GLN B 3 10.65 16.68 2.44
N GLN B 4 9.86 17.36 3.26
CA GLN B 4 8.67 18.08 2.80
C GLN B 4 8.85 19.57 3.09
N SER B 5 8.14 20.38 2.31
CA SER B 5 8.29 21.83 2.40
C SER B 5 7.62 22.37 3.66
N GLY B 6 7.90 23.65 3.94
CA GLY B 6 7.43 24.26 5.16
C GLY B 6 5.92 24.48 5.16
N ALA B 7 5.41 24.76 6.36
CA ALA B 7 3.98 24.96 6.55
C ALA B 7 3.48 26.15 5.73
N GLU B 8 2.18 26.13 5.44
CA GLU B 8 1.56 27.13 4.58
C GLU B 8 0.33 27.68 5.27
N LEU B 9 0.21 29.01 5.28
CA LEU B 9 -0.97 29.70 5.82
C LEU B 9 -1.44 30.66 4.74
N VAL B 10 -2.61 30.40 4.16
CA VAL B 10 -3.09 31.12 2.99
C VAL B 10 -4.57 31.47 3.17
N LYS B 11 -5.04 32.39 2.34
CA LYS B 11 -6.43 32.83 2.31
C LYS B 11 -7.31 31.81 1.60
N PRO B 12 -8.60 31.79 1.91
CA PRO B 12 -9.51 30.90 1.17
C PRO B 12 -9.55 31.26 -0.30
N GLY B 13 -9.72 30.24 -1.14
CA GLY B 13 -9.77 30.43 -2.58
C GLY B 13 -8.44 30.55 -3.27
N ALA B 14 -7.33 30.49 -2.53
CA ALA B 14 -6.01 30.59 -3.13
C ALA B 14 -5.48 29.20 -3.47
N SER B 15 -4.30 29.16 -4.08
CA SER B 15 -3.64 27.91 -4.45
C SER B 15 -2.32 27.78 -3.71
N VAL B 16 -1.86 26.54 -3.56
CA VAL B 16 -0.63 26.24 -2.85
C VAL B 16 -0.02 24.99 -3.45
N LYS B 17 1.31 24.92 -3.41
CA LYS B 17 2.06 23.79 -3.95
C LYS B 17 3.01 23.26 -2.89
N LEU B 18 2.83 22.01 -2.48
CA LEU B 18 3.68 21.35 -1.51
C LEU B 18 4.64 20.42 -2.23
N SER B 19 5.92 20.46 -1.84
CA SER B 19 6.96 19.67 -2.47
C SER B 19 7.42 18.55 -1.54
N CYS B 20 7.85 17.45 -2.15
CA CYS B 20 8.33 16.27 -1.42
C CYS B 20 9.61 15.81 -2.10
N THR B 21 10.75 15.99 -1.43
CA THR B 21 12.05 15.68 -2.01
C THR B 21 12.74 14.57 -1.25
N PRO B 22 12.99 13.41 -1.87
CA PRO B 22 13.67 12.33 -1.16
C PRO B 22 15.17 12.60 -1.01
N SER B 23 15.74 12.03 0.04
CA SER B 23 17.18 12.07 0.28
C SER B 23 17.67 10.63 0.40
N GLY B 24 18.51 10.21 -0.56
CA GLY B 24 19.05 8.87 -0.58
C GLY B 24 18.57 8.02 -1.73
N PHE B 25 17.59 8.49 -2.50
CA PHE B 25 17.12 7.74 -3.65
C PHE B 25 16.43 8.70 -4.61
N ASN B 26 16.20 8.21 -5.83
CA ASN B 26 15.56 9.00 -6.87
C ASN B 26 14.05 8.79 -6.85
N VAL B 27 13.32 9.83 -7.25
CA VAL B 27 11.86 9.74 -7.29
C VAL B 27 11.43 8.70 -8.32
N LYS B 28 12.20 8.53 -9.39
CA LYS B 28 11.86 7.57 -10.43
C LYS B 28 11.98 6.12 -9.97
N ASP B 29 12.44 5.88 -8.74
CA ASP B 29 12.68 4.53 -8.26
C ASP B 29 11.45 3.87 -7.65
N THR B 30 10.43 4.64 -7.29
CA THR B 30 9.28 4.09 -6.56
C THR B 30 8.07 4.97 -6.78
N TYR B 31 6.94 4.56 -6.20
CA TYR B 31 5.73 5.35 -6.20
C TYR B 31 5.73 6.30 -5.02
N ILE B 32 5.24 7.52 -5.24
CA ILE B 32 5.09 8.53 -4.20
C ILE B 32 3.60 8.75 -3.98
N HIS B 33 3.13 8.46 -2.77
CA HIS B 33 1.74 8.65 -2.40
C HIS B 33 1.57 9.95 -1.61
N TRP B 34 0.35 10.47 -1.60
CA TRP B 34 -0.01 11.64 -0.82
C TRP B 34 -1.21 11.34 0.05
N VAL B 35 -1.12 11.66 1.34
CA VAL B 35 -2.16 11.37 2.31
C VAL B 35 -2.53 12.65 3.02
N LYS B 36 -3.84 12.86 3.24
CA LYS B 36 -4.36 14.03 3.91
C LYS B 36 -4.87 13.64 5.30
N GLN B 37 -4.63 14.52 6.27
CA GLN B 37 -5.12 14.31 7.63
C GLN B 37 -5.59 15.63 8.21
N ARG B 38 -6.90 15.78 8.35
CA ARG B 38 -7.48 16.93 9.01
C ARG B 38 -7.11 16.91 10.50
N PRO B 39 -7.16 18.06 11.17
CA PRO B 39 -6.81 18.10 12.59
C PRO B 39 -7.72 17.20 13.42
N LYS B 40 -7.08 16.31 14.19
CA LYS B 40 -7.73 15.34 15.08
C LYS B 40 -8.54 14.29 14.34
N GLN B 41 -8.44 14.21 13.02
CA GLN B 41 -9.24 13.29 12.22
C GLN B 41 -8.34 12.22 11.61
N GLY B 42 -8.95 11.36 10.78
CA GLY B 42 -8.29 10.20 10.26
C GLY B 42 -7.48 10.48 9.00
N LEU B 43 -6.89 9.41 8.46
CA LEU B 43 -6.07 9.49 7.26
C LEU B 43 -6.93 9.35 6.01
N GLU B 44 -6.51 10.03 4.94
CA GLU B 44 -7.25 10.07 3.70
C GLU B 44 -6.27 9.95 2.53
N TRP B 45 -6.40 8.87 1.76
CA TRP B 45 -5.54 8.67 0.60
C TRP B 45 -5.98 9.57 -0.54
N ILE B 46 -5.04 10.38 -1.03
CA ILE B 46 -5.30 11.33 -2.12
C ILE B 46 -4.95 10.74 -3.47
N GLY B 47 -3.77 10.16 -3.59
CA GLY B 47 -3.32 9.63 -4.86
C GLY B 47 -1.85 9.26 -4.79
N ARG B 48 -1.35 8.82 -5.95
CA ARG B 48 0.05 8.42 -6.04
C ARG B 48 0.53 8.60 -7.47
N ILE B 49 1.84 8.76 -7.62
CA ILE B 49 2.46 9.01 -8.91
C ILE B 49 3.64 8.07 -9.09
N ASP B 50 3.82 7.58 -10.33
CA ASP B 50 5.02 6.87 -10.72
C ASP B 50 5.87 7.84 -11.54
N PRO B 51 6.86 8.51 -10.94
CA PRO B 51 7.62 9.52 -11.68
C PRO B 51 8.47 8.96 -12.81
N SER B 52 8.63 7.64 -12.90
CA SER B 52 9.42 7.06 -13.97
C SER B 52 8.68 7.06 -15.30
N ASP B 53 7.35 6.99 -15.26
CA ASP B 53 6.55 7.02 -16.48
C ASP B 53 5.37 7.98 -16.38
N GLY B 54 5.25 8.72 -15.29
CA GLY B 54 4.22 9.73 -15.16
C GLY B 54 2.83 9.22 -14.87
N ASP B 55 2.68 7.94 -14.52
CA ASP B 55 1.36 7.41 -14.18
C ASP B 55 0.88 8.05 -12.88
N ILE B 56 -0.32 8.61 -12.91
CA ILE B 56 -0.92 9.23 -11.75
C ILE B 56 -2.32 8.64 -11.56
N LYS B 57 -2.65 8.31 -10.31
CA LYS B 57 -3.98 7.85 -9.94
C LYS B 57 -4.46 8.68 -8.76
N TYR B 58 -5.74 9.04 -8.77
CA TYR B 58 -6.33 9.84 -7.71
C TYR B 58 -7.50 9.10 -7.08
N ASP B 59 -7.76 9.40 -5.82
CA ASP B 59 -9.08 9.16 -5.26
C ASP B 59 -10.05 10.06 -6.00
N PRO B 60 -11.21 9.57 -6.45
CA PRO B 60 -12.09 10.41 -7.28
C PRO B 60 -12.50 11.71 -6.62
N LYS B 61 -12.64 11.75 -5.30
CA LYS B 61 -13.09 12.96 -4.62
C LYS B 61 -12.03 14.05 -4.53
N PHE B 62 -10.81 13.78 -5.00
CA PHE B 62 -9.73 14.76 -4.96
C PHE B 62 -9.31 15.26 -6.33
N GLN B 63 -10.00 14.83 -7.39
CA GLN B 63 -9.55 15.15 -8.74
C GLN B 63 -9.67 16.64 -9.04
N GLY B 64 -10.73 17.28 -8.55
CA GLY B 64 -10.91 18.70 -8.80
C GLY B 64 -10.03 19.58 -7.93
N LYS B 65 -9.62 19.09 -6.77
CA LYS B 65 -8.89 19.90 -5.80
C LYS B 65 -7.37 19.74 -5.93
N ALA B 66 -6.89 18.51 -6.01
CA ALA B 66 -5.47 18.22 -5.93
C ALA B 66 -4.90 17.85 -7.29
N THR B 67 -3.65 18.25 -7.53
CA THR B 67 -2.92 17.90 -8.74
C THR B 67 -1.51 17.48 -8.36
N ILE B 68 -1.16 16.24 -8.66
CA ILE B 68 0.15 15.69 -8.36
C ILE B 68 1.04 15.82 -9.59
N THR B 69 2.29 16.27 -9.37
CA THR B 69 3.25 16.45 -10.45
C THR B 69 4.61 15.93 -10.00
N ALA B 70 5.52 15.80 -10.97
CA ALA B 70 6.87 15.34 -10.71
C ALA B 70 7.85 16.16 -11.55
N ASP B 71 8.96 16.56 -10.92
CA ASP B 71 10.07 17.24 -11.58
C ASP B 71 11.30 16.36 -11.38
N THR B 72 11.43 15.32 -12.23
CA THR B 72 12.54 14.40 -12.10
C THR B 72 13.88 15.08 -12.28
N SER B 73 13.91 16.20 -13.02
CA SER B 73 15.14 16.98 -13.13
C SER B 73 15.58 17.54 -11.79
N SER B 74 14.67 17.65 -10.83
CA SER B 74 14.99 18.14 -9.48
C SER B 74 14.73 17.11 -8.40
N ASN B 75 14.36 15.88 -8.77
CA ASN B 75 14.12 14.80 -7.82
C ASN B 75 13.04 15.20 -6.81
N THR B 76 11.94 15.75 -7.32
CA THR B 76 10.91 16.32 -6.48
C THR B 76 9.52 15.95 -7.00
N VAL B 77 8.66 15.48 -6.10
CA VAL B 77 7.25 15.26 -6.38
C VAL B 77 6.45 16.31 -5.65
N SER B 78 5.51 16.94 -6.34
CA SER B 78 4.74 18.06 -5.79
C SER B 78 3.25 17.73 -5.76
N LEU B 79 2.56 18.36 -4.81
CA LEU B 79 1.10 18.25 -4.70
C LEU B 79 0.53 19.66 -4.65
N GLN B 80 -0.26 20.01 -5.67
CA GLN B 80 -0.87 21.33 -5.77
C GLN B 80 -2.32 21.27 -5.29
N LEU B 81 -2.69 22.20 -4.42
CA LEU B 81 -4.06 22.35 -3.94
C LEU B 81 -4.57 23.71 -4.40
N SER B 82 -5.75 23.72 -5.03
CA SER B 82 -6.31 24.93 -5.61
C SER B 82 -7.70 25.20 -5.06
N SER B 83 -8.10 26.47 -5.13
CA SER B 83 -9.40 26.93 -4.66
C SER B 83 -9.64 26.47 -3.22
N LEU B 84 -8.69 26.85 -2.35
CA LEU B 84 -8.66 26.31 -1.00
C LEU B 84 -9.83 26.83 -0.17
N THR B 85 -10.44 25.92 0.58
CA THR B 85 -11.50 26.22 1.54
C THR B 85 -11.06 25.75 2.93
N SER B 86 -11.97 25.90 3.90
CA SER B 86 -11.67 25.49 5.26
C SER B 86 -11.49 23.97 5.36
N GLU B 87 -12.18 23.21 4.51
CA GLU B 87 -12.08 21.76 4.55
C GLU B 87 -10.69 21.26 4.15
N ASP B 88 -9.88 22.10 3.52
CA ASP B 88 -8.55 21.72 3.09
C ASP B 88 -7.50 21.93 4.17
N THR B 89 -7.86 22.51 5.31
CA THR B 89 -6.93 22.65 6.42
C THR B 89 -6.56 21.27 6.96
N ALA B 90 -5.30 20.89 6.79
CA ALA B 90 -4.86 19.53 7.13
C ALA B 90 -3.34 19.48 7.06
N VAL B 91 -2.79 18.35 7.51
CA VAL B 91 -1.39 18.01 7.29
C VAL B 91 -1.35 17.04 6.12
N TYR B 92 -0.47 17.30 5.15
CA TYR B 92 -0.39 16.50 3.94
C TYR B 92 0.94 15.76 3.93
N TYR B 93 0.87 14.44 4.06
CA TYR B 93 2.06 13.60 4.04
C TYR B 93 2.33 13.08 2.64
N CYS B 94 3.61 12.94 2.32
CA CYS B 94 4.05 12.18 1.16
C CYS B 94 4.72 10.90 1.65
N ALA B 95 4.36 9.77 1.06
CA ALA B 95 4.83 8.47 1.50
C ALA B 95 5.53 7.74 0.37
N ARG B 96 6.59 7.01 0.71
CA ARG B 96 7.38 6.28 -0.26
C ARG B 96 6.92 4.82 -0.31
N TRP B 97 6.76 4.29 -1.52
CA TRP B 97 6.32 2.92 -1.72
C TRP B 97 7.51 1.98 -1.68
N PHE B 98 7.32 0.82 -1.06
CA PHE B 98 8.33 -0.24 -1.02
C PHE B 98 7.70 -1.49 -1.62
N GLY B 99 8.18 -1.90 -2.80
CA GLY B 99 7.52 -2.95 -3.53
C GLY B 99 7.51 -4.29 -2.81
N ASP B 100 8.63 -4.62 -2.16
CA ASP B 100 8.72 -5.90 -1.44
C ASP B 100 7.71 -5.99 -0.30
N TYR B 101 7.22 -4.87 0.20
CA TYR B 101 6.22 -4.84 1.26
C TYR B 101 4.79 -4.76 0.75
N GLY B 102 4.57 -4.13 -0.40
CA GLY B 102 3.22 -3.85 -0.84
C GLY B 102 2.54 -2.79 -0.02
N ALA B 103 3.29 -1.81 0.50
CA ALA B 103 2.76 -0.74 1.33
C ALA B 103 3.75 0.41 1.31
N MET B 104 3.43 1.46 2.06
CA MET B 104 4.29 2.63 2.20
C MET B 104 5.07 2.51 3.49
N ASN B 105 6.37 2.26 3.38
CA ASN B 105 7.21 1.98 4.54
C ASN B 105 7.77 3.23 5.20
N TYR B 106 7.97 4.31 4.45
CA TYR B 106 8.56 5.53 4.99
C TYR B 106 7.72 6.73 4.60
N TRP B 107 7.36 7.55 5.59
CA TRP B 107 6.56 8.73 5.39
C TRP B 107 7.37 9.98 5.72
N GLY B 108 7.02 11.09 5.07
CA GLY B 108 7.62 12.36 5.41
C GLY B 108 6.96 13.00 6.61
N GLN B 109 7.60 14.07 7.10
CA GLN B 109 7.10 14.76 8.27
C GLN B 109 5.72 15.37 8.05
N GLY B 110 5.35 15.63 6.81
CA GLY B 110 4.06 16.25 6.53
C GLY B 110 4.15 17.76 6.47
N THR B 111 3.35 18.34 5.58
CA THR B 111 3.28 19.78 5.41
C THR B 111 1.92 20.27 5.92
N SER B 112 1.94 21.12 6.93
CA SER B 112 0.72 21.69 7.47
C SER B 112 0.21 22.80 6.56
N VAL B 113 -1.04 22.69 6.13
CA VAL B 113 -1.69 23.71 5.32
C VAL B 113 -2.85 24.27 6.12
N THR B 114 -2.81 25.56 6.43
CA THR B 114 -3.83 26.24 7.21
C THR B 114 -4.56 27.22 6.32
N VAL B 115 -5.87 27.08 6.23
CA VAL B 115 -6.73 27.99 5.46
C VAL B 115 -7.54 28.81 6.46
N SER B 116 -7.24 30.10 6.55
CA SER B 116 -7.94 30.99 7.46
C SER B 116 -9.26 31.47 6.86
N ILE C 1 -0.62 -34.72 0.86
CA ILE C 1 0.67 -34.12 1.17
C ILE C 1 0.72 -32.70 0.61
N GLN C 2 1.12 -31.75 1.46
CA GLN C 2 1.18 -30.35 1.07
C GLN C 2 2.40 -30.08 0.20
N ARG C 3 2.21 -29.28 -0.84
CA ARG C 3 3.27 -28.96 -1.79
C ARG C 3 3.30 -27.46 -2.03
N THR C 4 4.46 -26.85 -1.85
CA THR C 4 4.61 -25.43 -2.12
C THR C 4 4.49 -25.18 -3.62
N PRO C 5 3.99 -24.01 -4.03
CA PRO C 5 3.73 -23.78 -5.45
C PRO C 5 5.01 -23.52 -6.23
N LYS C 6 5.04 -24.05 -7.45
CA LYS C 6 6.06 -23.73 -8.44
C LYS C 6 5.57 -22.53 -9.24
N ILE C 7 6.43 -21.52 -9.38
CA ILE C 7 6.04 -20.24 -9.97
C ILE C 7 6.95 -19.94 -11.15
N GLN C 8 6.36 -19.64 -12.29
CA GLN C 8 7.09 -19.33 -13.52
C GLN C 8 6.56 -18.03 -14.10
N VAL C 9 7.43 -17.05 -14.24
CA VAL C 9 7.08 -15.73 -14.77
C VAL C 9 7.79 -15.54 -16.09
N TYR C 10 7.04 -15.16 -17.12
CA TYR C 10 7.57 -15.05 -18.47
C TYR C 10 6.57 -14.28 -19.32
N SER C 11 7.05 -13.78 -20.45
CA SER C 11 6.20 -13.10 -21.41
C SER C 11 5.68 -14.07 -22.46
N ARG C 12 4.52 -13.76 -23.03
CA ARG C 12 3.95 -14.59 -24.07
C ARG C 12 4.86 -14.65 -25.30
N HIS C 13 5.29 -13.48 -25.77
CA HIS C 13 6.21 -13.35 -26.89
C HIS C 13 7.54 -12.78 -26.41
N PRO C 14 8.60 -12.93 -27.20
CA PRO C 14 9.90 -12.34 -26.82
C PRO C 14 9.77 -10.85 -26.53
N ALA C 15 10.39 -10.43 -25.44
CA ALA C 15 10.22 -9.07 -24.94
C ALA C 15 10.99 -8.07 -25.80
N GLU C 16 10.32 -6.99 -26.19
CA GLU C 16 10.94 -5.88 -26.89
C GLU C 16 10.46 -4.59 -26.23
N ASN C 17 11.40 -3.76 -25.81
CA ASN C 17 11.06 -2.55 -25.05
C ASN C 17 10.16 -1.63 -25.87
N GLY C 18 9.03 -1.25 -25.30
CA GLY C 18 8.08 -0.37 -25.94
C GLY C 18 7.00 -1.05 -26.74
N LYS C 19 6.95 -2.38 -26.73
CA LYS C 19 5.99 -3.12 -27.54
C LYS C 19 5.06 -3.92 -26.65
N SER C 20 3.77 -3.92 -27.02
CA SER C 20 2.75 -4.60 -26.22
C SER C 20 3.01 -6.10 -26.18
N ASN C 21 2.80 -6.69 -25.02
CA ASN C 21 3.05 -8.10 -24.79
C ASN C 21 2.05 -8.61 -23.75
N PHE C 22 2.32 -9.80 -23.22
CA PHE C 22 1.49 -10.39 -22.18
C PHE C 22 2.39 -10.99 -21.12
N LEU C 23 2.24 -10.53 -19.88
CA LEU C 23 3.02 -11.03 -18.76
C LEU C 23 2.30 -12.22 -18.14
N ASN C 24 2.94 -13.38 -18.18
CA ASN C 24 2.36 -14.61 -17.67
C ASN C 24 2.97 -14.97 -16.32
N CYS C 25 2.13 -15.51 -15.44
CA CYS C 25 2.58 -16.12 -14.18
C CYS C 25 1.91 -17.48 -14.07
N TYR C 26 2.70 -18.54 -14.23
CA TYR C 26 2.19 -19.90 -14.17
C TYR C 26 2.52 -20.49 -12.80
N VAL C 27 1.47 -20.87 -12.06
CA VAL C 27 1.60 -21.45 -10.73
C VAL C 27 1.11 -22.89 -10.80
N SER C 28 1.95 -23.83 -10.38
CA SER C 28 1.62 -25.25 -10.53
C SER C 28 2.22 -26.03 -9.39
N GLY C 29 1.72 -27.26 -9.22
CA GLY C 29 2.29 -28.20 -8.28
C GLY C 29 1.99 -27.94 -6.82
N PHE C 30 0.96 -27.17 -6.51
CA PHE C 30 0.66 -26.81 -5.13
C PHE C 30 -0.56 -27.58 -4.62
N HIS C 31 -0.60 -27.75 -3.30
CA HIS C 31 -1.69 -28.40 -2.60
C HIS C 31 -1.67 -27.98 -1.13
N PRO C 32 -2.81 -27.61 -0.54
CA PRO C 32 -4.17 -27.56 -1.12
C PRO C 32 -4.38 -26.44 -2.13
N SER C 33 -5.62 -26.27 -2.62
CA SER C 33 -5.87 -25.42 -3.77
C SER C 33 -6.01 -23.94 -3.43
N ASP C 34 -6.23 -23.61 -2.16
CA ASP C 34 -6.34 -22.20 -1.76
C ASP C 34 -5.04 -21.47 -2.07
N ILE C 35 -5.09 -20.50 -2.97
CA ILE C 35 -3.90 -19.80 -3.41
C ILE C 35 -4.26 -18.36 -3.77
N GLU C 36 -3.27 -17.48 -3.66
CA GLU C 36 -3.39 -16.07 -4.00
C GLU C 36 -2.31 -15.74 -5.01
N VAL C 37 -2.71 -15.24 -6.18
CA VAL C 37 -1.78 -14.93 -7.25
C VAL C 37 -2.08 -13.54 -7.78
N ASP C 38 -1.06 -12.69 -7.85
CA ASP C 38 -1.19 -11.35 -8.42
C ASP C 38 0.05 -11.03 -9.27
N LEU C 39 -0.16 -10.20 -10.28
CA LEU C 39 0.93 -9.66 -11.08
C LEU C 39 1.22 -8.23 -10.63
N LEU C 40 2.50 -7.89 -10.57
CA LEU C 40 2.92 -6.66 -9.91
C LEU C 40 3.69 -5.74 -10.86
N LYS C 41 3.61 -4.45 -10.56
CA LYS C 41 4.39 -3.40 -11.22
C LYS C 41 5.07 -2.60 -10.12
N ASN C 42 6.31 -2.96 -9.81
CA ASN C 42 7.05 -2.41 -8.68
C ASN C 42 6.27 -2.63 -7.37
N GLY C 43 5.88 -3.88 -7.15
CA GLY C 43 5.14 -4.24 -5.96
C GLY C 43 3.68 -3.84 -5.94
N GLU C 44 3.23 -3.00 -6.87
CA GLU C 44 1.84 -2.60 -6.93
C GLU C 44 1.02 -3.66 -7.66
N ARG C 45 -0.12 -4.02 -7.08
CA ARG C 45 -0.97 -5.02 -7.69
C ARG C 45 -1.59 -4.47 -8.97
N ILE C 46 -1.39 -5.18 -10.08
CA ILE C 46 -2.03 -4.83 -11.34
C ILE C 46 -3.47 -5.31 -11.29
N GLU C 47 -4.40 -4.42 -11.66
CA GLU C 47 -5.81 -4.71 -11.48
C GLU C 47 -6.46 -5.35 -12.70
N LYS C 48 -5.97 -5.05 -13.91
CA LYS C 48 -6.51 -5.64 -15.14
C LYS C 48 -5.78 -6.95 -15.41
N VAL C 49 -6.21 -8.00 -14.71
CA VAL C 49 -5.59 -9.31 -14.78
C VAL C 49 -6.64 -10.36 -15.12
N GLU C 50 -6.29 -11.25 -16.04
CA GLU C 50 -7.09 -12.43 -16.36
C GLU C 50 -6.42 -13.67 -15.81
N HIS C 51 -7.19 -14.75 -15.73
CA HIS C 51 -6.66 -16.00 -15.18
C HIS C 51 -7.47 -17.16 -15.71
N SER C 52 -6.79 -18.28 -15.95
CA SER C 52 -7.45 -19.49 -16.41
C SER C 52 -8.23 -20.12 -15.25
N ASP C 53 -8.92 -21.22 -15.56
CA ASP C 53 -9.64 -21.95 -14.53
C ASP C 53 -8.66 -22.74 -13.65
N LEU C 54 -9.01 -22.86 -12.38
CA LEU C 54 -8.24 -23.69 -11.46
C LEU C 54 -8.39 -25.15 -11.88
N SER C 55 -7.31 -25.75 -12.35
CA SER C 55 -7.33 -27.12 -12.84
C SER C 55 -6.52 -28.01 -11.91
N PHE C 56 -6.72 -29.32 -12.06
CA PHE C 56 -6.06 -30.30 -11.22
C PHE C 56 -5.73 -31.53 -12.05
N SER C 57 -4.59 -32.10 -11.76
CA SER C 57 -4.15 -33.36 -12.33
C SER C 57 -3.63 -34.18 -11.17
N LYS C 58 -3.61 -35.49 -11.33
CA LYS C 58 -3.08 -36.32 -10.28
C LYS C 58 -1.58 -36.23 -10.20
N ASP C 59 -0.91 -35.89 -11.27
CA ASP C 59 0.51 -35.79 -11.33
C ASP C 59 1.02 -34.38 -11.01
N TRP C 60 0.31 -33.34 -11.44
CA TRP C 60 0.76 -31.96 -11.25
C TRP C 60 0.11 -31.28 -10.06
N SER C 61 -0.77 -31.96 -9.33
CA SER C 61 -1.57 -31.36 -8.25
C SER C 61 -2.38 -30.24 -8.88
N PHE C 62 -2.42 -29.04 -8.30
CA PHE C 62 -3.20 -27.93 -8.83
C PHE C 62 -2.31 -26.99 -9.63
N TYR C 63 -2.89 -26.42 -10.69
CA TYR C 63 -2.18 -25.45 -11.50
C TYR C 63 -3.14 -24.36 -11.94
N LEU C 64 -2.58 -23.26 -12.45
CA LEU C 64 -3.32 -22.03 -12.65
C LEU C 64 -2.46 -21.00 -13.38
N LEU C 65 -3.02 -20.32 -14.38
CA LEU C 65 -2.27 -19.35 -15.17
C LEU C 65 -2.92 -17.97 -15.05
N TYR C 66 -2.17 -17.01 -14.54
CA TYR C 66 -2.54 -15.60 -14.53
C TYR C 66 -1.77 -14.87 -15.61
N TYR C 67 -2.42 -13.89 -16.24
CA TYR C 67 -1.74 -13.13 -17.28
C TYR C 67 -2.41 -11.77 -17.44
N THR C 68 -1.59 -10.76 -17.75
CA THR C 68 -2.06 -9.42 -18.02
C THR C 68 -1.30 -8.85 -19.21
N GLU C 69 -1.92 -7.90 -19.90
CA GLU C 69 -1.25 -7.18 -20.97
C GLU C 69 -0.30 -6.15 -20.37
N PHE C 70 0.91 -6.06 -20.92
CA PHE C 70 1.89 -5.12 -20.43
C PHE C 70 2.83 -4.73 -21.57
N THR C 71 3.61 -3.69 -21.32
CA THR C 71 4.59 -3.18 -22.28
C THR C 71 5.95 -3.14 -21.61
N PRO C 72 6.84 -4.08 -21.92
CA PRO C 72 8.14 -4.12 -21.26
C PRO C 72 8.91 -2.81 -21.41
N THR C 73 9.75 -2.54 -20.42
CA THR C 73 10.52 -1.30 -20.36
C THR C 73 11.92 -1.65 -19.89
N GLU C 74 12.88 -0.79 -20.30
CA GLU C 74 14.28 -0.86 -19.85
C GLU C 74 14.44 -1.40 -18.42
N LYS C 75 13.68 -0.88 -17.48
CA LYS C 75 13.88 -1.15 -16.07
C LYS C 75 13.31 -2.50 -15.67
N ASP C 76 13.75 -2.97 -14.49
CA ASP C 76 13.21 -4.17 -13.87
C ASP C 76 12.05 -3.77 -12.96
N GLU C 77 10.88 -4.38 -13.19
CA GLU C 77 9.69 -3.90 -12.49
C GLU C 77 8.63 -4.97 -12.30
N TYR C 78 8.42 -5.81 -13.31
CA TYR C 78 7.30 -6.74 -13.30
C TYR C 78 7.64 -8.02 -12.53
N ALA C 79 6.64 -8.55 -11.82
CA ALA C 79 6.85 -9.71 -10.97
C ALA C 79 5.51 -10.39 -10.74
N CYS C 80 5.56 -11.52 -10.03
CA CYS C 80 4.38 -12.26 -9.60
C CYS C 80 4.40 -12.42 -8.10
N ARG C 81 3.23 -12.28 -7.48
CA ARG C 81 3.08 -12.46 -6.04
C ARG C 81 2.16 -13.65 -5.80
N VAL C 82 2.70 -14.67 -5.12
CA VAL C 82 1.95 -15.89 -4.81
C VAL C 82 1.92 -16.06 -3.29
N ASN C 83 0.74 -16.32 -2.75
CA ASN C 83 0.57 -16.63 -1.34
C ASN C 83 -0.09 -17.98 -1.20
N HIS C 84 0.39 -18.78 -0.25
CA HIS C 84 -0.08 -20.15 -0.07
C HIS C 84 0.14 -20.54 1.38
N VAL C 85 -0.60 -21.56 1.82
CA VAL C 85 -0.49 -22.02 3.21
C VAL C 85 0.91 -22.55 3.51
N THR C 86 1.64 -23.00 2.47
CA THR C 86 3.01 -23.46 2.64
C THR C 86 4.01 -22.31 2.72
N LEU C 87 3.54 -21.06 2.71
CA LEU C 87 4.42 -19.89 2.72
C LEU C 87 4.13 -19.06 3.97
N SER C 88 5.20 -18.66 4.66
CA SER C 88 5.05 -17.83 5.84
C SER C 88 4.62 -16.41 5.48
N GLN C 89 4.95 -15.97 4.28
CA GLN C 89 4.59 -14.65 3.77
C GLN C 89 4.55 -14.72 2.26
N PRO C 90 3.88 -13.77 1.61
CA PRO C 90 3.77 -13.83 0.14
C PRO C 90 5.14 -13.87 -0.52
N LYS C 91 5.23 -14.68 -1.58
CA LYS C 91 6.48 -14.84 -2.33
C LYS C 91 6.38 -14.06 -3.63
N ILE C 92 7.40 -13.24 -3.90
CA ILE C 92 7.46 -12.39 -5.08
C ILE C 92 8.57 -12.90 -5.98
N VAL C 93 8.22 -13.20 -7.23
CA VAL C 93 9.17 -13.71 -8.22
C VAL C 93 9.23 -12.70 -9.35
N LYS C 94 10.39 -12.07 -9.52
CA LYS C 94 10.55 -11.02 -10.52
C LYS C 94 10.67 -11.60 -11.92
N TRP C 95 10.14 -10.86 -12.90
CA TRP C 95 10.23 -11.27 -14.30
C TRP C 95 11.60 -10.94 -14.86
N ASP C 96 12.21 -11.91 -15.52
CA ASP C 96 13.51 -11.73 -16.17
C ASP C 96 13.44 -12.35 -17.55
N ARG C 97 13.61 -11.52 -18.59
CA ARG C 97 13.50 -12.01 -19.95
C ARG C 97 14.70 -12.86 -20.36
N ASP C 98 15.83 -12.72 -19.69
CA ASP C 98 17.00 -13.56 -19.94
C ASP C 98 16.98 -14.85 -19.14
N MET C 99 15.89 -15.13 -18.42
CA MET C 99 15.80 -16.32 -17.59
C MET C 99 14.84 -17.34 -18.21
#